data_2VF5
#
_entry.id   2VF5
#
_cell.length_a   144.762
_cell.length_b   144.762
_cell.length_c   171.447
_cell.angle_alpha   90.00
_cell.angle_beta   90.00
_cell.angle_gamma   120.00
#
_symmetry.space_group_name_H-M   'H 3 2'
#
loop_
_entity.id
_entity.type
_entity.pdbx_description
1 polymer 'GLUCOSAMINE--FRUCTOSE-6-PHOSPHATE AMINOTRANSFERASE'
2 non-polymer 2-amino-2-deoxy-6-O-phosphono-alpha-D-glucopyranose
3 water water
#
_entity_poly.entity_id   1
_entity_poly.type   'polypeptide(L)'
_entity_poly.pdbx_seq_one_letter_code
;CGIVGAIAQRDVAEILLEGLRRLEYRGYDSAGLAVVDAEGHMTRLRRLGKVQMLAQAAEEHPLHGGTGIAHTRWATHGEP
SEVNAHPHVSEHIVVVHNGIIENHEPLREELKARGYTFVSETDTEVIAHLVNWELKQGGTLREAVLRAIPQLRGAYGTVI
MDSRHPDTLLAARSGSPLVIGLGMGENFIASDQLALLPVTRRFIFLEEGDIAEITRRSVNIFDKTGAEVKRQDIESNLQY
DAGDKGIYRHYMQKEIYEQPNAIKNTLTGRISHGQVDLSELGPNADELLSKVEHIQILACGTSYNSGMVSRYWFESLAGI
PCDVEIASEFRYRKSAVRRNSLMITLSQSGETADTLAGLRLSKELGYLGSLAICNVPGSSLVRESDLALMTNAGTEIGVA
STKAFTTQLTVLLMLVAKLSRLKGLDASIEHDIVHGLQALPSRIEQMLSQDKRIEALAEDFSDKHHALFLGRGDQYPIAL
EGALKLKEISYIHAEAYAAGELKHGPLALIDADMPVIVVAPNNELLEKLKSNIEEVRARGGQLYVFADQDAGFVSSDNMH
IIEMPHVEEVIAPIFYTVPLQLLAYHVALIKGTDVDQPRNLAKSVTVE
;
_entity_poly.pdbx_strand_id   X
#
loop_
_chem_comp.id
_chem_comp.type
_chem_comp.name
_chem_comp.formula
GLP D-saccharide, alpha linking 2-amino-2-deoxy-6-O-phosphono-alpha-D-glucopyranose 'C6 H14 N O8 P'
#
# COMPACT_ATOMS: atom_id res chain seq x y z
N GLY A 243 9.91 -3.99 -22.72
CA GLY A 243 10.86 -3.32 -23.65
C GLY A 243 11.40 -2.02 -23.07
N ASP A 244 11.28 -0.95 -23.86
CA ASP A 244 12.01 0.32 -23.67
C ASP A 244 11.70 1.14 -22.41
N LYS A 245 12.76 1.38 -21.63
CA LYS A 245 12.65 2.16 -20.40
C LYS A 245 12.20 3.61 -20.68
N GLY A 246 12.48 4.08 -21.89
CA GLY A 246 12.15 5.46 -22.26
C GLY A 246 13.19 6.37 -21.64
N ILE A 247 12.75 7.52 -21.13
CA ILE A 247 13.67 8.53 -20.62
C ILE A 247 14.35 8.12 -19.28
N TYR A 248 14.18 6.85 -18.87
CA TYR A 248 14.40 6.40 -17.47
C TYR A 248 15.67 5.60 -17.21
N ARG A 249 16.20 5.69 -15.98
CA ARG A 249 17.42 4.96 -15.67
C ARG A 249 17.07 3.51 -15.39
N HIS A 250 15.96 3.31 -14.67
CA HIS A 250 15.51 1.99 -14.19
C HIS A 250 14.02 1.84 -14.40
N TYR A 251 13.63 0.62 -14.73
CA TYR A 251 12.23 0.24 -14.75
C TYR A 251 11.54 0.75 -13.53
N MET A 252 12.15 0.59 -12.37
CA MET A 252 11.42 0.95 -11.15
C MET A 252 11.06 2.45 -11.15
N GLN A 253 12.00 3.24 -11.65
CA GLN A 253 11.84 4.67 -11.76
C GLN A 253 10.63 4.90 -12.63
N LYS A 254 10.67 4.33 -13.84
CA LYS A 254 9.58 4.43 -14.80
C LYS A 254 8.26 3.99 -14.14
N GLU A 255 8.19 2.74 -13.73
CA GLU A 255 7.11 2.31 -12.88
C GLU A 255 6.68 3.36 -11.82
N ILE A 256 7.59 4.05 -11.18
CA ILE A 256 7.09 5.05 -10.22
C ILE A 256 6.39 6.25 -10.94
N TYR A 257 7.07 6.82 -11.91
CA TYR A 257 6.51 7.85 -12.78
C TYR A 257 5.29 7.47 -13.66
N GLU A 258 5.03 6.18 -13.85
CA GLU A 258 3.88 5.79 -14.61
C GLU A 258 2.64 5.75 -13.74
N GLN A 259 2.81 5.88 -12.43
CA GLN A 259 1.68 5.64 -11.55
C GLN A 259 0.42 6.43 -11.93
N PRO A 260 0.58 7.73 -12.29
CA PRO A 260 -0.58 8.51 -12.69
C PRO A 260 -1.35 7.83 -13.83
N ASN A 261 -0.71 7.45 -14.93
CA ASN A 261 -1.40 6.76 -16.04
C ASN A 261 -1.96 5.47 -15.54
N ALA A 262 -1.08 4.55 -15.16
CA ALA A 262 -1.51 3.27 -14.67
C ALA A 262 -2.82 3.38 -13.86
N ILE A 263 -2.95 4.40 -13.03
CA ILE A 263 -4.18 4.59 -12.27
C ILE A 263 -5.37 4.98 -13.14
N LYS A 264 -5.11 5.76 -14.19
CA LYS A 264 -6.14 6.08 -15.17
C LYS A 264 -6.70 4.76 -15.71
N ASN A 265 -5.81 3.88 -16.17
CA ASN A 265 -6.19 2.61 -16.79
C ASN A 265 -7.02 1.75 -15.88
N THR A 266 -6.65 1.72 -14.60
CA THR A 266 -7.44 1.03 -13.58
C THR A 266 -8.85 1.66 -13.39
N LEU A 267 -9.05 2.80 -14.02
CA LEU A 267 -10.30 3.53 -13.88
C LEU A 267 -11.00 3.70 -15.24
N THR A 268 -10.31 3.30 -16.31
CA THR A 268 -10.92 3.16 -17.63
C THR A 268 -12.24 2.41 -17.46
N GLY A 269 -13.35 3.10 -17.74
CA GLY A 269 -14.68 2.50 -17.70
C GLY A 269 -15.07 1.65 -16.49
N ARG A 270 -14.53 1.98 -15.31
CA ARG A 270 -15.00 1.42 -14.04
C ARG A 270 -15.80 2.48 -13.32
N ILE A 271 -15.29 3.70 -13.43
CA ILE A 271 -16.01 4.92 -13.13
C ILE A 271 -16.88 5.17 -14.37
N SER A 272 -18.18 5.41 -14.16
CA SER A 272 -19.12 5.81 -15.25
C SER A 272 -20.50 6.31 -14.76
N HIS A 273 -20.78 7.59 -15.05
CA HIS A 273 -21.78 8.35 -14.32
C HIS A 273 -21.47 8.65 -12.82
N GLY A 274 -20.18 8.71 -12.51
CA GLY A 274 -19.75 9.14 -11.20
C GLY A 274 -20.03 8.07 -10.16
N GLN A 275 -20.44 6.88 -10.62
CA GLN A 275 -20.52 5.70 -9.75
C GLN A 275 -19.44 4.66 -10.15
N VAL A 276 -19.38 3.56 -9.40
CA VAL A 276 -18.47 2.46 -9.66
C VAL A 276 -19.20 1.34 -10.39
N ASP A 277 -18.60 0.90 -11.50
CA ASP A 277 -19.17 -0.12 -12.41
C ASP A 277 -18.31 -1.41 -12.50
N LEU A 278 -18.72 -2.42 -11.74
CA LEU A 278 -17.96 -3.67 -11.67
C LEU A 278 -18.75 -4.80 -12.34
N SER A 279 -19.84 -4.43 -13.01
CA SER A 279 -20.57 -5.33 -13.91
C SER A 279 -19.73 -5.89 -15.09
N GLU A 280 -18.50 -5.38 -15.25
CA GLU A 280 -17.44 -6.07 -16.03
C GLU A 280 -16.98 -7.43 -15.40
N LEU A 281 -17.89 -8.17 -14.74
CA LEU A 281 -17.57 -9.29 -13.85
C LEU A 281 -18.56 -10.46 -13.92
N GLY A 282 -19.07 -10.75 -15.12
CA GLY A 282 -20.19 -11.67 -15.30
C GLY A 282 -21.52 -10.97 -15.06
N PRO A 283 -22.58 -11.33 -15.81
CA PRO A 283 -23.93 -10.79 -15.55
C PRO A 283 -24.45 -11.27 -14.18
N ASN A 284 -23.83 -12.35 -13.66
CA ASN A 284 -23.99 -12.84 -12.27
C ASN A 284 -23.55 -11.81 -11.19
N ALA A 285 -22.51 -12.15 -10.43
CA ALA A 285 -21.73 -11.15 -9.68
C ALA A 285 -22.33 -10.51 -8.41
N ASP A 286 -23.45 -9.79 -8.55
CA ASP A 286 -23.94 -8.84 -7.53
C ASP A 286 -24.69 -9.39 -6.29
N GLU A 287 -25.47 -10.47 -6.42
CA GLU A 287 -26.16 -10.98 -5.21
C GLU A 287 -25.20 -11.86 -4.45
N LEU A 288 -24.28 -12.52 -5.17
CA LEU A 288 -22.98 -12.92 -4.58
C LEU A 288 -22.36 -11.83 -3.65
N LEU A 289 -21.86 -10.76 -4.26
CA LEU A 289 -21.17 -9.66 -3.55
C LEU A 289 -22.01 -8.93 -2.47
N SER A 290 -23.35 -9.06 -2.57
CA SER A 290 -24.29 -8.49 -1.58
C SER A 290 -24.65 -9.45 -0.46
N LYS A 291 -24.25 -10.71 -0.62
CA LYS A 291 -24.51 -11.76 0.37
C LYS A 291 -23.36 -11.77 1.37
N VAL A 292 -22.25 -11.14 0.99
CA VAL A 292 -21.02 -11.04 1.78
C VAL A 292 -21.22 -10.29 3.11
N GLU A 293 -20.95 -10.97 4.23
CA GLU A 293 -20.81 -10.28 5.53
C GLU A 293 -19.48 -10.48 6.24
N HIS A 294 -18.39 -10.73 5.46
CA HIS A 294 -16.97 -10.85 5.90
C HIS A 294 -15.98 -11.04 4.73
N ILE A 295 -14.87 -10.32 4.79
CA ILE A 295 -13.77 -10.38 3.81
C ILE A 295 -12.48 -11.01 4.42
N GLN A 296 -11.90 -12.00 3.74
CA GLN A 296 -10.58 -12.52 4.05
C GLN A 296 -9.70 -12.21 2.86
N ILE A 297 -8.67 -11.42 3.12
CA ILE A 297 -7.70 -11.08 2.10
C ILE A 297 -6.50 -11.93 2.35
N LEU A 298 -5.75 -12.26 1.30
CA LEU A 298 -4.64 -13.20 1.38
C LEU A 298 -3.54 -12.98 0.34
N ALA A 299 -2.39 -12.40 0.74
CA ALA A 299 -1.20 -12.34 -0.14
C ALA A 299 0.08 -12.23 0.61
N CYS A 300 1.12 -11.95 -0.17
CA CYS A 300 2.51 -11.89 0.32
C CYS A 300 3.19 -10.58 -0.02
N GLY A 301 3.96 -10.06 0.92
CA GLY A 301 4.86 -8.99 0.56
C GLY A 301 4.14 -7.69 0.36
N THR A 302 4.47 -7.01 -0.74
CA THR A 302 3.93 -5.67 -0.98
C THR A 302 2.40 -5.81 -1.12
N SER A 303 1.96 -6.95 -1.70
CA SER A 303 0.54 -7.29 -1.77
C SER A 303 -0.22 -7.44 -0.46
N TYR A 304 0.43 -7.97 0.58
CA TYR A 304 -0.21 -8.02 1.91
C TYR A 304 -0.37 -6.58 2.44
N ASN A 305 0.62 -5.75 2.12
CA ASN A 305 0.65 -4.35 2.55
C ASN A 305 -0.63 -3.59 2.08
N SER A 306 -0.81 -3.55 0.77
CA SER A 306 -2.00 -3.04 0.15
C SER A 306 -3.30 -3.58 0.78
N GLY A 307 -3.43 -4.89 0.86
CA GLY A 307 -4.52 -5.46 1.61
C GLY A 307 -4.62 -4.82 2.99
N MET A 308 -3.52 -4.79 3.72
CA MET A 308 -3.51 -4.38 5.13
C MET A 308 -4.18 -3.03 5.25
N VAL A 309 -3.94 -2.26 4.20
CA VAL A 309 -4.49 -0.93 4.04
C VAL A 309 -5.99 -1.06 3.90
N SER A 310 -6.41 -1.77 2.86
CA SER A 310 -7.83 -1.89 2.51
C SER A 310 -8.70 -2.40 3.64
N ARG A 311 -8.11 -3.15 4.57
CA ARG A 311 -8.85 -3.56 5.75
C ARG A 311 -9.45 -2.40 6.55
N TYR A 312 -8.69 -1.32 6.69
CA TYR A 312 -9.14 -0.09 7.36
C TYR A 312 -10.44 0.52 6.77
N TRP A 313 -10.42 0.51 5.45
CA TRP A 313 -11.39 1.13 4.59
C TRP A 313 -12.72 0.46 4.75
N PHE A 314 -12.86 -0.72 4.11
CA PHE A 314 -13.89 -1.71 4.43
C PHE A 314 -14.49 -1.55 5.82
N GLU A 315 -13.72 -1.81 6.87
CA GLU A 315 -14.30 -1.78 8.20
C GLU A 315 -14.99 -0.48 8.57
N SER A 316 -14.54 0.63 7.99
CA SER A 316 -15.05 1.98 8.39
C SER A 316 -15.92 2.72 7.35
N LEU A 317 -15.72 2.37 6.08
CA LEU A 317 -16.36 2.98 4.94
C LEU A 317 -17.57 2.14 4.57
N ALA A 318 -17.29 0.87 4.27
CA ALA A 318 -18.32 -0.10 3.93
C ALA A 318 -18.90 -0.88 5.13
N GLY A 319 -18.39 -0.66 6.35
CA GLY A 319 -18.84 -1.35 7.57
C GLY A 319 -18.77 -2.88 7.62
N ILE A 320 -18.08 -3.49 6.64
CA ILE A 320 -17.96 -4.95 6.45
C ILE A 320 -16.69 -5.49 7.13
N PRO A 321 -16.83 -6.42 8.07
CA PRO A 321 -15.67 -7.06 8.75
C PRO A 321 -14.53 -7.50 7.81
N CYS A 322 -13.31 -7.14 8.14
CA CYS A 322 -12.21 -7.52 7.28
C CYS A 322 -11.01 -8.07 8.03
N ASP A 323 -10.50 -9.17 7.47
CA ASP A 323 -9.34 -9.87 7.99
C ASP A 323 -8.29 -10.05 6.91
N VAL A 324 -7.03 -9.69 7.25
CA VAL A 324 -5.91 -9.89 6.32
C VAL A 324 -4.88 -10.81 6.87
N GLU A 325 -4.27 -11.64 6.04
CA GLU A 325 -3.30 -12.64 6.54
C GLU A 325 -2.26 -12.93 5.47
N ILE A 326 -1.02 -13.12 5.93
CA ILE A 326 0.09 -13.59 5.11
C ILE A 326 -0.21 -15.00 4.57
N ALA A 327 -0.17 -15.12 3.26
CA ALA A 327 -0.58 -16.37 2.62
C ALA A 327 -0.09 -17.64 3.35
N SER A 328 1.23 -17.84 3.40
CA SER A 328 1.85 -18.90 4.21
C SER A 328 1.26 -19.12 5.62
N GLU A 329 0.84 -18.06 6.30
CA GLU A 329 0.34 -18.23 7.67
C GLU A 329 -0.96 -18.97 7.67
N PHE A 330 -1.81 -18.55 6.73
CA PHE A 330 -3.08 -19.15 6.41
C PHE A 330 -2.94 -20.60 5.96
N ARG A 331 -2.10 -20.84 4.99
CA ARG A 331 -2.01 -22.19 4.45
C ARG A 331 -1.39 -23.20 5.40
N TYR A 332 -0.99 -22.80 6.60
CA TYR A 332 -0.47 -23.83 7.49
C TYR A 332 -1.15 -23.75 8.84
N ARG A 333 -2.43 -23.38 8.88
CA ARG A 333 -3.21 -23.45 10.11
C ARG A 333 -4.64 -23.92 9.85
N LYS A 334 -5.24 -24.63 10.83
CA LYS A 334 -6.68 -24.89 10.84
C LYS A 334 -7.35 -23.54 11.14
N SER A 335 -7.82 -22.85 10.09
CA SER A 335 -8.47 -21.53 10.20
C SER A 335 -9.95 -21.71 10.55
N ALA A 336 -10.49 -20.73 11.27
CA ALA A 336 -11.93 -20.74 11.60
C ALA A 336 -12.68 -19.88 10.63
N VAL A 337 -12.99 -20.39 9.44
CA VAL A 337 -13.93 -19.75 8.48
C VAL A 337 -15.06 -18.87 9.07
N ARG A 338 -15.37 -17.79 8.36
CA ARG A 338 -16.42 -16.88 8.81
C ARG A 338 -17.74 -17.00 8.03
N ARG A 339 -18.83 -16.56 8.65
CA ARG A 339 -20.11 -16.66 7.95
C ARG A 339 -20.12 -15.80 6.70
N ASN A 340 -20.24 -16.49 5.57
CA ASN A 340 -20.20 -15.87 4.26
C ASN A 340 -18.98 -15.02 4.09
N SER A 341 -17.79 -15.65 4.10
CA SER A 341 -16.51 -14.98 3.85
C SER A 341 -16.28 -14.91 2.32
N LEU A 342 -15.82 -13.76 1.83
CA LEU A 342 -15.32 -13.69 0.46
C LEU A 342 -13.77 -13.78 0.45
N MET A 343 -13.21 -14.59 -0.46
CA MET A 343 -11.76 -14.74 -0.54
C MET A 343 -11.13 -13.83 -1.57
N ILE A 344 -10.63 -12.69 -1.10
CA ILE A 344 -9.84 -11.84 -1.96
C ILE A 344 -8.43 -12.26 -1.78
N THR A 345 -7.79 -12.62 -2.89
CA THR A 345 -6.36 -12.79 -2.91
C THR A 345 -5.77 -11.71 -3.82
N LEU A 346 -4.84 -10.91 -3.24
CA LEU A 346 -4.11 -9.86 -3.97
C LEU A 346 -2.83 -10.38 -4.56
N SER A 347 -2.47 -9.99 -5.78
CA SER A 347 -1.21 -10.42 -6.36
C SER A 347 -0.84 -9.75 -7.68
N GLN A 348 0.43 -9.42 -7.87
CA GLN A 348 0.85 -8.90 -9.15
C GLN A 348 0.99 -9.98 -10.21
N SER A 349 1.48 -11.16 -9.85
CA SER A 349 1.95 -12.11 -10.87
C SER A 349 0.92 -13.17 -11.07
N GLY A 350 0.09 -13.30 -10.03
CA GLY A 350 -0.85 -14.40 -9.87
C GLY A 350 -0.20 -15.77 -10.00
N GLU A 351 1.02 -15.87 -9.48
CA GLU A 351 1.81 -17.11 -9.54
C GLU A 351 2.48 -17.47 -8.19
N THR A 352 2.23 -16.63 -7.19
CA THR A 352 2.84 -16.72 -5.87
C THR A 352 2.36 -17.98 -5.15
N ALA A 353 3.25 -18.97 -5.06
CA ALA A 353 2.89 -20.31 -4.57
C ALA A 353 2.04 -20.25 -3.31
N ASP A 354 2.48 -19.42 -2.37
CA ASP A 354 1.95 -19.34 -1.01
C ASP A 354 0.53 -18.85 -0.99
N THR A 355 0.19 -17.98 -1.94
CA THR A 355 -1.16 -17.46 -2.01
C THR A 355 -1.97 -18.40 -2.88
N LEU A 356 -1.44 -18.68 -4.08
CA LEU A 356 -2.05 -19.64 -5.00
C LEU A 356 -2.66 -20.79 -4.18
N ALA A 357 -1.82 -21.35 -3.32
CA ALA A 357 -2.16 -22.39 -2.36
C ALA A 357 -3.19 -21.91 -1.32
N GLY A 358 -3.10 -20.66 -0.88
CA GLY A 358 -4.01 -20.13 0.12
C GLY A 358 -5.41 -20.12 -0.43
N LEU A 359 -5.52 -20.05 -1.75
CA LEU A 359 -6.81 -20.05 -2.43
C LEU A 359 -7.36 -21.47 -2.57
N ARG A 360 -6.48 -22.35 -3.04
CA ARG A 360 -6.76 -23.76 -3.16
C ARG A 360 -7.15 -24.38 -1.81
N LEU A 361 -6.51 -24.00 -0.71
CA LEU A 361 -7.06 -24.40 0.60
C LEU A 361 -8.49 -23.84 0.83
N SER A 362 -8.73 -22.58 0.47
CA SER A 362 -10.08 -21.99 0.63
C SER A 362 -11.23 -22.72 -0.12
N LYS A 363 -10.97 -23.22 -1.33
CA LYS A 363 -11.99 -23.98 -2.06
C LYS A 363 -12.72 -24.88 -1.09
N GLU A 364 -11.97 -25.74 -0.42
CA GLU A 364 -12.54 -26.82 0.39
C GLU A 364 -12.99 -26.42 1.82
N LEU A 365 -13.09 -25.11 2.06
CA LEU A 365 -13.24 -24.61 3.43
C LEU A 365 -14.59 -23.95 3.78
N GLY A 366 -15.39 -23.58 2.77
CA GLY A 366 -16.67 -22.91 2.98
C GLY A 366 -16.68 -21.45 2.54
N TYR A 367 -15.81 -21.13 1.59
CA TYR A 367 -15.72 -19.76 1.11
C TYR A 367 -16.79 -19.49 0.08
N LEU A 368 -17.64 -18.55 0.46
CA LEU A 368 -18.71 -18.06 -0.38
C LEU A 368 -18.30 -17.95 -1.85
N GLY A 369 -17.06 -17.55 -2.09
CA GLY A 369 -16.55 -17.36 -3.42
C GLY A 369 -15.24 -16.59 -3.39
N SER A 370 -14.67 -16.34 -4.56
CA SER A 370 -13.25 -16.01 -4.66
C SER A 370 -12.91 -14.89 -5.65
N LEU A 371 -12.71 -13.65 -5.13
CA LEU A 371 -12.22 -12.55 -5.97
C LEU A 371 -10.70 -12.39 -5.91
N ALA A 372 -10.09 -12.60 -7.07
CA ALA A 372 -8.65 -12.46 -7.27
C ALA A 372 -8.34 -11.15 -7.97
N ILE A 373 -8.10 -10.06 -7.19
CA ILE A 373 -7.45 -8.80 -7.67
C ILE A 373 -6.01 -9.07 -7.96
N CYS A 374 -5.57 -8.70 -9.15
CA CYS A 374 -4.32 -9.16 -9.67
C CYS A 374 -4.00 -8.47 -11.00
N ASN A 375 -2.75 -8.52 -11.46
CA ASN A 375 -2.26 -7.69 -12.57
C ASN A 375 -1.68 -8.39 -13.81
N VAL A 376 -1.69 -9.74 -13.84
CA VAL A 376 -1.14 -10.45 -15.01
C VAL A 376 -2.17 -11.39 -15.66
N PRO A 377 -2.41 -11.17 -16.96
CA PRO A 377 -3.68 -11.55 -17.60
C PRO A 377 -3.73 -13.04 -17.72
N GLY A 378 -4.49 -13.65 -16.84
CA GLY A 378 -4.85 -15.05 -17.00
C GLY A 378 -3.72 -15.95 -16.55
N SER A 379 -3.72 -16.29 -15.28
CA SER A 379 -2.68 -17.15 -14.75
C SER A 379 -3.20 -17.66 -13.44
N SER A 380 -2.73 -18.85 -13.09
CA SER A 380 -3.12 -19.49 -11.87
C SER A 380 -4.12 -18.68 -11.03
N LEU A 381 -3.70 -17.62 -10.36
CA LEU A 381 -4.64 -16.95 -9.45
C LEU A 381 -5.89 -16.39 -10.14
N VAL A 382 -5.75 -16.04 -11.41
CA VAL A 382 -6.87 -15.54 -12.20
C VAL A 382 -7.79 -16.73 -12.51
N ARG A 383 -7.30 -17.59 -13.39
CA ARG A 383 -7.98 -18.79 -13.82
C ARG A 383 -8.73 -19.47 -12.70
N GLU A 384 -8.12 -19.67 -11.56
CA GLU A 384 -8.70 -20.53 -10.53
C GLU A 384 -9.64 -19.80 -9.57
N SER A 385 -9.96 -18.55 -9.87
CA SER A 385 -10.83 -17.80 -8.99
C SER A 385 -12.21 -17.72 -9.66
N ASP A 386 -13.26 -17.41 -8.90
CA ASP A 386 -14.56 -17.17 -9.55
C ASP A 386 -14.59 -15.80 -10.27
N LEU A 387 -14.04 -14.76 -9.61
CA LEU A 387 -13.99 -13.37 -10.08
C LEU A 387 -12.56 -12.77 -10.00
N ALA A 388 -12.24 -11.94 -10.98
CA ALA A 388 -10.95 -11.26 -11.07
C ALA A 388 -11.14 -9.78 -11.39
N LEU A 389 -10.15 -8.97 -10.99
CA LEU A 389 -10.20 -7.54 -11.30
C LEU A 389 -8.90 -6.97 -11.85
N MET A 390 -8.21 -7.71 -12.72
CA MET A 390 -7.06 -7.21 -13.49
C MET A 390 -6.74 -5.67 -13.44
N THR A 391 -5.79 -5.31 -12.57
CA THR A 391 -5.41 -3.91 -12.30
C THR A 391 -4.80 -3.16 -13.48
N ASN A 392 -4.32 -3.88 -14.51
CA ASN A 392 -3.95 -3.24 -15.81
C ASN A 392 -2.98 -2.07 -15.72
N ALA A 393 -1.73 -2.32 -15.37
CA ALA A 393 -0.78 -1.23 -15.18
C ALA A 393 0.35 -1.37 -16.18
N GLY A 394 0.12 -2.23 -17.15
CA GLY A 394 1.18 -2.71 -18.01
C GLY A 394 2.04 -3.67 -17.21
N THR A 395 2.98 -4.34 -17.86
CA THR A 395 3.88 -5.17 -17.09
C THR A 395 4.78 -4.28 -16.18
N GLU A 396 5.13 -4.84 -15.03
CA GLU A 396 6.01 -4.19 -14.08
C GLU A 396 7.27 -5.05 -14.03
N ILE A 397 8.41 -4.49 -14.47
CA ILE A 397 9.64 -5.28 -14.67
C ILE A 397 10.56 -5.18 -13.45
N GLY A 398 10.43 -4.09 -12.70
CA GLY A 398 11.21 -3.90 -11.50
C GLY A 398 10.90 -4.99 -10.50
N VAL A 399 11.85 -5.33 -9.62
CA VAL A 399 11.62 -6.50 -8.79
C VAL A 399 10.73 -6.19 -7.59
N ALA A 400 10.79 -4.97 -7.09
CA ALA A 400 9.87 -4.56 -6.05
C ALA A 400 8.73 -3.85 -6.72
N SER A 401 7.56 -3.79 -6.08
CA SER A 401 6.41 -3.18 -6.76
C SER A 401 6.02 -1.77 -6.35
N THR A 402 5.61 -1.04 -7.37
CA THR A 402 5.29 0.35 -7.24
C THR A 402 3.86 0.47 -7.77
N LYS A 403 3.72 0.56 -9.10
CA LYS A 403 2.43 0.80 -9.79
C LYS A 403 1.43 -0.28 -9.48
N ALA A 404 1.88 -1.53 -9.58
CA ALA A 404 1.22 -2.69 -8.95
C ALA A 404 0.54 -2.43 -7.57
N PHE A 405 1.22 -1.71 -6.70
CA PHE A 405 0.71 -1.48 -5.34
C PHE A 405 -0.43 -0.47 -5.39
N THR A 406 -0.18 0.65 -6.07
CA THR A 406 -1.14 1.76 -6.06
C THR A 406 -2.40 1.34 -6.74
N THR A 407 -2.25 0.71 -7.91
CA THR A 407 -3.39 0.20 -8.64
C THR A 407 -4.18 -0.83 -7.78
N GLN A 408 -3.51 -1.71 -7.05
CA GLN A 408 -4.24 -2.60 -6.18
C GLN A 408 -5.03 -1.78 -5.19
N LEU A 409 -4.52 -0.64 -4.81
CA LEU A 409 -5.26 0.10 -3.78
C LEU A 409 -6.50 0.80 -4.31
N THR A 410 -6.40 1.25 -5.57
CA THR A 410 -7.50 1.81 -6.34
C THR A 410 -8.68 0.83 -6.53
N VAL A 411 -8.38 -0.36 -7.07
CA VAL A 411 -9.31 -1.46 -7.10
C VAL A 411 -9.79 -1.77 -5.70
N LEU A 412 -8.91 -1.82 -4.74
CA LEU A 412 -9.47 -2.06 -3.42
C LEU A 412 -10.54 -0.99 -3.20
N LEU A 413 -10.21 0.23 -3.56
CA LEU A 413 -11.12 1.32 -3.22
C LEU A 413 -12.46 1.24 -3.96
N MET A 414 -12.43 0.94 -5.25
CA MET A 414 -13.64 0.61 -6.02
C MET A 414 -14.45 -0.45 -5.29
N LEU A 415 -13.92 -1.66 -5.21
CA LEU A 415 -14.59 -2.69 -4.43
C LEU A 415 -15.18 -2.17 -3.13
N VAL A 416 -14.42 -1.39 -2.34
CA VAL A 416 -15.00 -0.79 -1.13
C VAL A 416 -16.27 -0.03 -1.51
N ALA A 417 -16.23 0.62 -2.67
CA ALA A 417 -17.30 1.50 -3.08
C ALA A 417 -18.46 0.63 -3.47
N LYS A 418 -18.26 -0.26 -4.44
CA LYS A 418 -19.33 -1.14 -4.92
C LYS A 418 -20.06 -1.81 -3.75
N LEU A 419 -19.33 -2.46 -2.87
CA LEU A 419 -19.95 -3.05 -1.71
C LEU A 419 -20.72 -2.06 -0.81
N SER A 420 -20.21 -0.86 -0.61
CA SER A 420 -20.91 0.07 0.31
C SER A 420 -22.40 0.33 -0.07
N ARG A 421 -22.71 0.44 -1.36
CA ARG A 421 -24.06 0.76 -1.83
C ARG A 421 -24.92 -0.49 -1.87
N LEU A 422 -24.37 -1.58 -2.43
CA LEU A 422 -24.96 -2.92 -2.46
C LEU A 422 -25.20 -3.49 -1.05
N LYS A 423 -25.39 -2.61 -0.07
CA LYS A 423 -25.44 -2.95 1.33
C LYS A 423 -26.42 -2.02 2.00
N GLY A 424 -26.73 -0.94 1.28
CA GLY A 424 -27.74 0.04 1.67
C GLY A 424 -27.18 1.34 2.20
N LEU A 425 -25.85 1.46 2.28
CA LEU A 425 -25.20 2.57 3.00
C LEU A 425 -25.30 3.95 2.36
N ASP A 426 -25.53 4.95 3.20
CA ASP A 426 -25.88 6.30 2.74
C ASP A 426 -24.88 6.68 1.63
N ALA A 427 -25.40 6.88 0.40
CA ALA A 427 -24.58 6.88 -0.83
C ALA A 427 -23.54 8.00 -0.97
N SER A 428 -23.61 8.97 -0.05
CA SER A 428 -22.58 10.00 0.05
C SER A 428 -21.19 9.36 0.12
N ILE A 429 -21.12 8.21 0.77
CA ILE A 429 -19.92 7.38 0.87
C ILE A 429 -19.25 6.94 -0.45
N GLU A 430 -20.01 6.38 -1.38
CA GLU A 430 -19.46 5.94 -2.66
C GLU A 430 -18.84 7.06 -3.52
N HIS A 431 -19.52 8.21 -3.54
CA HIS A 431 -19.11 9.36 -4.32
C HIS A 431 -17.79 9.97 -3.80
N ASP A 432 -17.66 10.03 -2.47
CA ASP A 432 -16.42 10.46 -1.79
C ASP A 432 -15.22 9.69 -2.33
N ILE A 433 -15.31 8.37 -2.19
CA ILE A 433 -14.39 7.43 -2.83
C ILE A 433 -14.18 7.77 -4.31
N VAL A 434 -15.26 7.99 -5.04
CA VAL A 434 -15.15 8.28 -6.46
C VAL A 434 -14.40 9.58 -6.69
N HIS A 435 -14.95 10.72 -6.27
CA HIS A 435 -14.19 12.00 -6.31
C HIS A 435 -12.72 11.79 -6.03
N GLY A 436 -12.44 11.34 -4.81
CA GLY A 436 -11.10 11.00 -4.44
C GLY A 436 -10.41 10.22 -5.55
N LEU A 437 -11.11 9.21 -6.07
CA LEU A 437 -10.53 8.37 -7.10
C LEU A 437 -10.19 9.13 -8.40
N GLN A 438 -10.98 10.13 -8.79
CA GLN A 438 -10.67 10.84 -10.06
C GLN A 438 -9.71 12.01 -9.87
N ALA A 439 -9.63 12.49 -8.62
CA ALA A 439 -8.57 13.38 -8.16
C ALA A 439 -7.23 12.71 -8.33
N LEU A 440 -7.18 11.42 -7.93
CA LEU A 440 -5.95 10.69 -7.61
C LEU A 440 -4.81 10.83 -8.64
N PRO A 441 -5.01 10.45 -9.91
CA PRO A 441 -3.92 10.53 -10.91
C PRO A 441 -3.14 11.85 -10.92
N SER A 442 -3.83 12.99 -10.84
CA SER A 442 -3.11 14.24 -10.92
C SER A 442 -2.55 14.60 -9.53
N ARG A 443 -3.10 14.01 -8.48
CA ARG A 443 -2.47 14.15 -7.17
C ARG A 443 -1.15 13.39 -7.11
N ILE A 444 -1.08 12.22 -7.73
CA ILE A 444 0.22 11.61 -7.91
C ILE A 444 1.18 12.53 -8.74
N GLU A 445 0.75 13.19 -9.80
CA GLU A 445 1.72 13.96 -10.58
C GLU A 445 2.18 15.13 -9.73
N GLN A 446 1.39 15.48 -8.71
CA GLN A 446 1.76 16.59 -7.82
C GLN A 446 2.95 16.18 -6.95
N MET A 447 2.82 15.02 -6.32
CA MET A 447 3.87 14.46 -5.55
C MET A 447 5.09 14.40 -6.40
N LEU A 448 5.04 13.65 -7.48
CA LEU A 448 6.19 13.54 -8.40
C LEU A 448 7.06 14.82 -8.74
N SER A 449 6.53 16.01 -8.50
CA SER A 449 7.17 17.23 -8.94
C SER A 449 7.93 17.74 -7.73
N GLN A 450 7.29 17.51 -6.58
CA GLN A 450 7.92 17.57 -5.22
C GLN A 450 8.99 16.45 -5.04
N ASP A 451 9.31 15.84 -6.15
CA ASP A 451 10.39 14.92 -6.32
C ASP A 451 11.78 15.40 -5.85
N LYS A 452 12.24 16.53 -6.37
CA LYS A 452 13.60 16.97 -6.00
C LYS A 452 13.66 17.06 -4.47
N ARG A 453 12.57 17.41 -3.83
CA ARG A 453 12.66 17.66 -2.42
C ARG A 453 13.01 16.37 -1.67
N ILE A 454 12.63 15.24 -2.26
CA ILE A 454 12.94 13.89 -1.69
C ILE A 454 14.39 13.46 -1.93
N GLU A 455 14.87 13.73 -3.14
CA GLU A 455 16.27 13.52 -3.51
C GLU A 455 17.13 14.17 -2.45
N ALA A 456 16.73 15.35 -1.98
CA ALA A 456 17.39 16.03 -0.87
C ALA A 456 17.40 15.17 0.39
N LEU A 457 16.22 14.74 0.81
CA LEU A 457 16.07 14.10 2.07
C LEU A 457 16.84 12.79 2.05
N ALA A 458 17.00 12.18 0.90
CA ALA A 458 17.58 10.85 0.83
C ALA A 458 18.98 10.88 1.39
N GLU A 459 19.66 11.99 1.13
CA GLU A 459 21.00 12.15 1.61
C GLU A 459 21.03 11.88 3.07
N ASP A 460 20.19 12.49 3.87
CA ASP A 460 20.09 12.16 5.28
C ASP A 460 20.13 10.64 5.54
N PHE A 461 19.56 9.79 4.66
CA PHE A 461 19.45 8.34 4.94
C PHE A 461 20.43 7.49 4.17
N SER A 462 21.14 8.06 3.22
CA SER A 462 21.97 7.22 2.37
C SER A 462 23.09 6.46 3.11
N ASP A 463 23.59 6.92 4.24
CA ASP A 463 24.62 6.10 4.86
C ASP A 463 24.20 5.51 6.23
N LYS A 464 22.89 5.42 6.44
CA LYS A 464 22.34 4.76 7.62
C LYS A 464 22.07 3.28 7.37
N HIS A 465 21.98 2.52 8.47
CA HIS A 465 21.66 1.09 8.35
C HIS A 465 20.53 0.66 9.23
N HIS A 466 19.84 1.64 9.78
CA HIS A 466 18.66 1.40 10.54
C HIS A 466 17.67 2.49 10.18
N ALA A 467 16.39 2.18 10.32
CA ALA A 467 15.30 3.18 10.30
C ALA A 467 14.09 2.54 10.90
N LEU A 468 13.25 3.43 11.45
CA LEU A 468 12.00 3.06 12.06
C LEU A 468 10.95 3.90 11.37
N PHE A 469 10.04 3.26 10.62
CA PHE A 469 8.86 3.90 9.98
C PHE A 469 7.68 3.77 10.88
N LEU A 470 6.97 4.84 11.03
CA LEU A 470 5.84 4.84 11.91
C LEU A 470 4.61 5.30 11.15
N GLY A 471 3.45 4.78 11.53
CA GLY A 471 2.17 5.03 10.83
C GLY A 471 1.00 4.64 11.74
N ARG A 472 -0.10 5.42 11.73
CA ARG A 472 -1.29 5.08 12.53
C ARG A 472 -2.50 4.77 11.65
N GLY A 473 -3.40 3.88 12.05
CA GLY A 473 -4.53 3.54 11.17
C GLY A 473 -4.09 3.37 9.72
N ASP A 474 -4.91 3.71 8.74
CA ASP A 474 -4.51 3.41 7.36
C ASP A 474 -3.10 3.82 6.93
N GLN A 475 -2.42 4.67 7.67
CA GLN A 475 -1.10 5.03 7.24
C GLN A 475 -0.04 3.98 7.69
N TYR A 476 -0.36 3.25 8.77
CA TYR A 476 0.52 2.18 9.29
C TYR A 476 0.99 1.20 8.22
N PRO A 477 0.07 0.64 7.48
CA PRO A 477 0.51 -0.22 6.37
C PRO A 477 1.27 0.56 5.30
N ILE A 478 1.28 1.87 5.38
CA ILE A 478 2.10 2.61 4.43
C ILE A 478 3.53 2.71 4.97
N ALA A 479 3.62 2.81 6.30
CA ALA A 479 4.87 2.60 7.01
C ALA A 479 5.37 1.17 6.67
N LEU A 480 4.48 0.19 6.66
CA LEU A 480 4.94 -1.14 6.31
C LEU A 480 5.59 -1.09 4.95
N GLU A 481 4.93 -0.52 3.97
CA GLU A 481 5.44 -0.59 2.58
C GLU A 481 6.73 0.23 2.46
N GLY A 482 6.73 1.38 3.11
CA GLY A 482 7.89 2.25 3.08
C GLY A 482 9.16 1.63 3.66
N ALA A 483 9.04 1.07 4.86
CA ALA A 483 10.06 0.20 5.45
C ALA A 483 10.48 -0.91 4.49
N LEU A 484 9.50 -1.52 3.84
CA LEU A 484 9.87 -2.68 3.05
C LEU A 484 10.75 -2.21 1.85
N LYS A 485 10.37 -1.05 1.31
CA LYS A 485 11.05 -0.58 0.11
C LYS A 485 12.51 -0.28 0.42
N LEU A 486 12.74 0.35 1.57
CA LEU A 486 14.05 0.63 2.05
C LEU A 486 14.78 -0.71 2.25
N LYS A 487 14.20 -1.68 2.99
CA LYS A 487 14.88 -3.00 3.10
C LYS A 487 15.25 -3.43 1.69
N GLU A 488 14.26 -3.44 0.81
CA GLU A 488 14.41 -4.00 -0.54
C GLU A 488 15.49 -3.50 -1.46
N ILE A 489 15.52 -2.20 -1.67
CA ILE A 489 16.43 -1.69 -2.73
C ILE A 489 17.65 -0.87 -2.29
N SER A 490 17.61 -0.40 -1.04
CA SER A 490 18.75 0.25 -0.40
C SER A 490 19.42 -0.71 0.57
N TYR A 491 18.89 -1.91 0.71
CA TYR A 491 19.42 -2.83 1.70
C TYR A 491 19.53 -2.24 3.14
N ILE A 492 18.94 -1.10 3.41
CA ILE A 492 18.94 -0.64 4.77
C ILE A 492 17.98 -1.41 5.68
N HIS A 493 18.29 -1.52 6.96
CA HIS A 493 17.39 -2.30 7.82
C HIS A 493 16.34 -1.37 8.35
N ALA A 494 15.34 -1.08 7.52
CA ALA A 494 14.23 -0.24 7.98
C ALA A 494 13.12 -1.12 8.54
N GLU A 495 12.58 -0.75 9.70
CA GLU A 495 11.50 -1.56 10.24
C GLU A 495 10.28 -0.69 10.63
N ALA A 496 9.04 -1.17 10.31
CA ALA A 496 7.82 -0.34 10.43
C ALA A 496 7.20 -0.68 11.73
N TYR A 497 6.28 0.19 12.19
CA TYR A 497 5.70 0.07 13.54
C TYR A 497 4.43 0.92 13.81
N ALA A 498 3.38 0.33 14.36
CA ALA A 498 2.30 1.08 14.92
C ALA A 498 2.88 2.25 15.69
N ALA A 499 2.49 3.45 15.33
CA ALA A 499 2.96 4.59 16.02
C ALA A 499 2.53 4.61 17.50
N GLY A 500 1.47 3.87 17.84
CA GLY A 500 0.98 3.79 19.22
C GLY A 500 2.09 3.14 20.01
N GLU A 501 2.77 2.22 19.34
CA GLU A 501 3.68 1.27 20.00
C GLU A 501 5.16 1.72 20.17
N LEU A 502 5.55 2.83 19.56
CA LEU A 502 6.92 3.29 19.74
C LEU A 502 7.43 3.15 21.21
N LYS A 503 6.66 3.69 22.14
CA LYS A 503 7.09 3.76 23.51
C LYS A 503 7.14 2.34 24.12
N HIS A 504 6.48 1.37 23.49
CA HIS A 504 6.53 0.03 24.02
C HIS A 504 7.72 -0.80 23.53
N GLY A 505 8.86 -0.19 23.18
CA GLY A 505 10.04 -0.93 22.76
C GLY A 505 11.13 -0.19 22.06
N PRO A 506 10.93 0.01 20.75
CA PRO A 506 11.88 0.58 19.81
C PRO A 506 12.40 1.91 20.19
N LEU A 507 11.66 2.68 20.96
CA LEU A 507 12.27 3.88 21.52
C LEU A 507 13.65 3.58 22.01
N ALA A 508 13.80 2.49 22.72
CA ALA A 508 15.04 2.16 23.38
C ALA A 508 16.16 2.03 22.38
N LEU A 509 15.77 1.79 21.16
CA LEU A 509 16.73 1.62 20.07
C LEU A 509 17.21 2.93 19.41
N ILE A 510 16.37 3.98 19.43
CA ILE A 510 16.66 5.18 18.62
C ILE A 510 17.94 5.93 19.09
N ASP A 511 18.81 6.18 18.12
CA ASP A 511 19.95 7.12 18.22
C ASP A 511 20.24 7.82 16.86
N ALA A 512 21.36 8.51 16.75
CA ALA A 512 21.77 9.11 15.45
C ALA A 512 21.82 8.14 14.29
N ASP A 513 21.87 6.85 14.54
CA ASP A 513 21.87 5.94 13.42
C ASP A 513 20.55 5.31 13.14
N MET A 514 19.46 5.83 13.67
CA MET A 514 18.17 5.18 13.37
C MET A 514 17.11 6.23 13.38
N PRO A 515 16.92 6.86 12.23
CA PRO A 515 15.94 7.91 12.11
C PRO A 515 14.56 7.35 12.24
N VAL A 516 13.71 8.10 12.90
CA VAL A 516 12.31 7.78 12.85
C VAL A 516 11.63 8.52 11.71
N ILE A 517 10.67 7.88 11.08
CA ILE A 517 9.89 8.59 10.09
C ILE A 517 8.45 8.39 10.44
N VAL A 518 7.65 9.44 10.63
CA VAL A 518 6.18 9.24 10.81
C VAL A 518 5.53 9.56 9.50
N VAL A 519 4.46 8.84 9.19
CA VAL A 519 3.74 9.06 7.93
C VAL A 519 2.40 9.71 8.19
N ALA A 520 2.33 11.02 7.95
CA ALA A 520 1.06 11.72 7.78
C ALA A 520 0.33 11.76 9.09
N PRO A 521 1.01 12.16 10.16
CA PRO A 521 0.35 12.26 11.46
C PRO A 521 -0.64 13.43 11.47
N ASN A 522 -1.63 13.32 12.35
CA ASN A 522 -2.40 14.48 12.75
C ASN A 522 -1.65 15.21 13.89
N ASN A 523 -2.30 16.17 14.49
CA ASN A 523 -1.63 17.03 15.42
C ASN A 523 -1.35 16.34 16.74
N GLU A 524 -2.29 15.55 17.19
CA GLU A 524 -2.27 14.95 18.53
C GLU A 524 -1.28 13.81 18.50
N LEU A 525 -1.12 13.19 17.33
CA LEU A 525 -0.08 12.18 17.10
C LEU A 525 1.31 12.83 17.13
N LEU A 526 1.51 13.85 16.31
CA LEU A 526 2.73 14.60 16.36
C LEU A 526 3.14 14.93 17.80
N GLU A 527 2.23 15.47 18.60
CA GLU A 527 2.66 15.88 19.92
C GLU A 527 3.16 14.69 20.75
N LYS A 528 2.50 13.56 20.62
CA LYS A 528 3.06 12.37 21.22
C LYS A 528 4.46 12.08 20.60
N LEU A 529 4.57 11.88 19.28
CA LEU A 529 5.88 11.50 18.77
C LEU A 529 6.94 12.52 19.10
N LYS A 530 6.64 13.81 18.90
CA LYS A 530 7.56 14.92 19.19
C LYS A 530 8.10 14.77 20.60
N SER A 531 7.24 14.38 21.52
CA SER A 531 7.62 14.27 22.89
C SER A 531 8.53 13.06 23.11
N ASN A 532 8.19 11.97 22.42
CA ASN A 532 9.01 10.78 22.44
C ASN A 532 10.41 11.08 21.97
N ILE A 533 10.50 11.74 20.84
CA ILE A 533 11.80 11.92 20.25
C ILE A 533 12.68 12.83 21.14
N GLU A 534 12.10 13.83 21.80
CA GLU A 534 12.87 14.58 22.79
C GLU A 534 13.52 13.65 23.82
N GLU A 535 12.78 12.62 24.22
CA GLU A 535 13.22 11.67 25.23
C GLU A 535 14.53 11.09 24.84
N VAL A 536 14.83 11.13 23.55
CA VAL A 536 16.11 10.67 23.05
C VAL A 536 16.94 11.73 22.27
N ARG A 537 16.77 13.02 22.57
CA ARG A 537 17.58 14.00 21.85
C ARG A 537 19.06 13.67 22.15
N ALA A 538 19.38 13.36 23.42
CA ALA A 538 20.75 13.17 23.86
C ALA A 538 21.51 12.03 23.17
N ARG A 539 20.83 11.03 22.65
CA ARG A 539 21.52 10.01 21.82
C ARG A 539 21.52 10.46 20.35
N GLY A 540 20.94 11.64 20.09
CA GLY A 540 20.89 12.24 18.77
C GLY A 540 19.92 11.66 17.76
N GLY A 541 18.64 11.66 18.09
CA GLY A 541 17.70 10.97 17.25
C GLY A 541 16.85 11.95 16.50
N GLN A 542 16.41 11.58 15.30
CA GLN A 542 15.57 12.52 14.60
C GLN A 542 14.23 12.01 14.18
N LEU A 543 13.26 12.90 14.26
CA LEU A 543 11.95 12.66 13.72
C LEU A 543 11.84 13.23 12.31
N TYR A 544 11.46 12.41 11.34
CA TYR A 544 11.14 12.97 10.01
C TYR A 544 9.66 12.75 9.74
N VAL A 545 8.97 13.87 9.48
CA VAL A 545 7.53 13.83 9.33
C VAL A 545 7.06 14.24 7.97
N PHE A 546 6.41 13.33 7.25
CA PHE A 546 5.69 13.72 6.03
C PHE A 546 4.32 14.08 6.46
N ALA A 547 3.97 15.35 6.28
CA ALA A 547 2.66 15.85 6.70
C ALA A 547 2.02 16.81 5.66
N ASP A 548 0.72 17.06 5.83
CA ASP A 548 0.01 18.04 5.02
C ASP A 548 0.67 19.42 5.25
N GLN A 549 0.97 20.15 4.18
CA GLN A 549 1.52 21.50 4.26
C GLN A 549 0.52 22.35 4.98
N ASP A 550 -0.70 21.86 4.97
CA ASP A 550 -1.80 22.59 5.52
C ASP A 550 -1.83 22.37 7.01
N ALA A 551 -1.00 21.49 7.55
CA ALA A 551 -1.17 21.23 8.99
C ALA A 551 -0.58 22.37 9.80
N GLY A 552 0.24 23.20 9.12
CA GLY A 552 1.10 24.18 9.75
C GLY A 552 2.06 23.61 10.77
N PHE A 553 2.67 22.47 10.48
CA PHE A 553 3.63 21.96 11.43
C PHE A 553 4.97 22.73 11.29
N VAL A 554 5.68 22.88 12.40
CA VAL A 554 6.95 23.59 12.30
C VAL A 554 8.13 22.77 12.72
N SER A 555 9.18 22.80 11.89
CA SER A 555 10.43 22.04 12.12
C SER A 555 11.20 22.50 13.36
N SER A 556 11.50 21.60 14.29
CA SER A 556 12.47 21.97 15.32
C SER A 556 13.86 21.45 14.88
N ASP A 557 14.85 21.63 15.73
CA ASP A 557 16.22 21.21 15.39
C ASP A 557 16.29 19.69 15.26
N ASN A 558 15.37 18.95 15.91
CA ASN A 558 15.40 17.49 15.72
C ASN A 558 14.15 16.80 15.23
N MET A 559 13.10 17.58 15.02
CA MET A 559 11.89 17.16 14.29
C MET A 559 11.89 17.94 13.00
N HIS A 560 11.94 17.20 11.88
CA HIS A 560 12.04 17.80 10.58
C HIS A 560 10.79 17.59 9.76
N ILE A 561 9.99 18.62 9.51
CA ILE A 561 8.79 18.44 8.67
C ILE A 561 9.13 18.45 7.18
N ILE A 562 8.65 17.42 6.45
CA ILE A 562 8.72 17.39 4.99
C ILE A 562 7.33 17.59 4.40
N GLU A 563 7.06 18.79 3.89
CA GLU A 563 5.69 19.14 3.56
C GLU A 563 5.24 18.54 2.26
N MET A 564 3.99 18.04 2.27
CA MET A 564 3.39 17.44 1.13
C MET A 564 2.20 18.30 0.89
N PRO A 565 1.71 18.39 -0.37
CA PRO A 565 0.45 19.07 -0.72
C PRO A 565 -0.74 18.49 0.01
N HIS A 566 -1.83 19.23 0.07
CA HIS A 566 -3.07 18.67 0.61
C HIS A 566 -3.63 17.63 -0.32
N VAL A 567 -4.14 16.54 0.27
CA VAL A 567 -5.06 15.59 -0.40
C VAL A 567 -6.30 15.16 0.37
N GLU A 568 -7.21 14.55 -0.36
CA GLU A 568 -8.47 14.08 0.20
C GLU A 568 -8.18 12.91 1.11
N GLU A 569 -8.63 13.04 2.37
CA GLU A 569 -8.45 12.05 3.41
C GLU A 569 -8.50 10.62 2.86
N VAL A 570 -9.39 10.39 1.92
CA VAL A 570 -9.74 9.02 1.58
C VAL A 570 -8.71 8.29 0.74
N ILE A 571 -7.94 9.06 -0.06
CA ILE A 571 -6.84 8.51 -0.87
C ILE A 571 -5.46 8.87 -0.33
N ALA A 572 -5.44 9.35 0.91
CA ALA A 572 -4.20 9.79 1.56
C ALA A 572 -3.23 8.62 1.57
N PRO A 573 -3.62 7.51 2.21
CA PRO A 573 -2.84 6.29 2.13
C PRO A 573 -2.23 6.09 0.79
N ILE A 574 -2.92 6.29 -0.34
CA ILE A 574 -2.29 5.87 -1.58
C ILE A 574 -1.27 6.87 -1.92
N PHE A 575 -1.58 8.12 -1.61
CA PHE A 575 -0.80 9.31 -1.94
C PHE A 575 0.55 9.34 -1.20
N TYR A 576 0.51 9.12 0.11
CA TYR A 576 1.73 9.12 0.86
C TYR A 576 2.68 7.95 0.54
N THR A 577 2.38 7.16 -0.48
CA THR A 577 3.21 6.01 -0.75
C THR A 577 4.32 6.45 -1.66
N VAL A 578 4.06 7.40 -2.54
CA VAL A 578 5.01 7.82 -3.58
C VAL A 578 6.31 8.43 -3.02
N PRO A 579 6.20 9.31 -2.04
CA PRO A 579 7.40 9.92 -1.46
C PRO A 579 8.25 8.80 -0.86
N LEU A 580 7.60 7.78 -0.29
CA LEU A 580 8.31 6.66 0.32
C LEU A 580 8.97 5.84 -0.76
N GLN A 581 8.25 5.51 -1.82
CA GLN A 581 8.93 4.89 -2.95
C GLN A 581 10.13 5.71 -3.49
N LEU A 582 9.93 7.01 -3.72
CA LEU A 582 10.94 7.87 -4.31
C LEU A 582 12.10 7.93 -3.36
N LEU A 583 11.79 7.89 -2.07
CA LEU A 583 12.81 8.02 -1.06
C LEU A 583 13.71 6.80 -1.15
N ALA A 584 13.10 5.59 -1.11
CA ALA A 584 13.88 4.38 -1.29
C ALA A 584 14.62 4.51 -2.61
N TYR A 585 13.95 5.01 -3.62
CA TYR A 585 14.60 5.02 -4.89
C TYR A 585 15.87 5.87 -4.87
N HIS A 586 15.77 7.09 -4.33
CA HIS A 586 16.98 7.95 -4.31
C HIS A 586 18.15 7.43 -3.43
N VAL A 587 17.82 6.82 -2.31
CA VAL A 587 18.88 6.26 -1.50
C VAL A 587 19.56 5.27 -2.40
N ALA A 588 18.78 4.39 -3.01
CA ALA A 588 19.36 3.34 -3.85
C ALA A 588 20.27 3.93 -4.94
N LEU A 589 19.87 5.08 -5.46
CA LEU A 589 20.62 5.66 -6.55
C LEU A 589 21.97 6.16 -6.12
N ILE A 590 21.99 6.72 -4.94
CA ILE A 590 23.14 7.33 -4.35
C ILE A 590 24.00 6.19 -3.88
N LYS A 591 23.38 5.19 -3.30
CA LYS A 591 24.16 4.08 -2.81
C LYS A 591 24.74 3.33 -4.00
N GLY A 592 24.06 3.37 -5.15
CA GLY A 592 24.51 2.63 -6.31
C GLY A 592 24.15 1.15 -6.35
N THR A 593 23.04 0.78 -5.72
CA THR A 593 22.62 -0.62 -5.64
C THR A 593 21.77 -1.02 -6.82
N ASP A 594 21.70 -2.31 -7.13
CA ASP A 594 20.98 -2.80 -8.32
C ASP A 594 19.47 -2.63 -8.16
N VAL A 595 18.97 -1.43 -8.42
CA VAL A 595 17.55 -1.11 -8.14
C VAL A 595 16.59 -2.11 -8.80
N ASP A 596 16.84 -2.45 -10.06
CA ASP A 596 15.82 -3.17 -10.72
C ASP A 596 15.77 -4.62 -10.18
N GLN A 597 16.94 -5.28 -10.14
CA GLN A 597 17.07 -6.57 -9.45
C GLN A 597 17.87 -6.47 -8.16
N PRO A 598 17.25 -6.07 -7.05
CA PRO A 598 17.94 -6.06 -5.74
C PRO A 598 18.44 -7.47 -5.38
N ARG A 599 19.42 -7.60 -4.50
CA ARG A 599 20.04 -8.87 -4.29
C ARG A 599 19.13 -9.84 -3.49
N ASN A 600 19.19 -11.12 -3.87
CA ASN A 600 18.46 -12.16 -3.20
C ASN A 600 16.97 -12.08 -3.32
N LEU A 601 16.47 -11.21 -4.16
CA LEU A 601 15.06 -10.97 -4.22
C LEU A 601 14.56 -11.45 -5.56
N ALA A 602 13.27 -11.79 -5.61
CA ALA A 602 12.69 -12.40 -6.80
C ALA A 602 11.42 -11.67 -7.25
N LYS A 603 11.26 -11.52 -8.57
CA LYS A 603 10.03 -11.00 -9.14
C LYS A 603 8.78 -11.69 -8.56
N SER A 604 8.68 -13.04 -8.63
CA SER A 604 7.73 -13.73 -7.74
C SER A 604 8.23 -15.07 -7.31
N VAL A 605 7.72 -15.55 -6.19
CA VAL A 605 8.13 -16.86 -5.67
C VAL A 605 7.13 -17.88 -6.11
N THR A 606 7.44 -18.52 -7.24
CA THR A 606 6.51 -19.45 -7.89
C THR A 606 6.76 -20.86 -7.34
N VAL A 607 7.84 -21.49 -7.82
CA VAL A 607 8.60 -22.56 -7.14
C VAL A 607 8.54 -22.65 -5.56
N GLU A 608 8.46 -23.92 -5.11
CA GLU A 608 8.35 -24.34 -3.69
C GLU A 608 9.57 -24.09 -2.72
C1 GLP B . 7.92 -10.83 -4.48
C2 GLP B . 8.14 -9.48 -5.07
C3 GLP B . 7.30 -8.34 -4.55
C4 GLP B . 5.90 -8.62 -3.99
C5 GLP B . 5.71 -10.02 -3.46
C6 GLP B . 4.37 -10.68 -3.81
O1 GLP B . 8.96 -11.08 -3.53
N2 GLP B . 9.53 -9.23 -5.25
O3 GLP B . 7.62 -7.12 -5.27
O4 GLP B . 5.41 -7.74 -3.00
O5 GLP B . 6.69 -10.98 -3.78
O6 GLP B . 4.29 -11.10 -5.16
P GLP B . 2.88 -11.03 -5.97
O1P GLP B . 2.24 -9.58 -5.87
O2P GLP B . 3.36 -11.38 -7.43
O3P GLP B . 1.85 -12.08 -5.29
#